data_5BVN
#
_entry.id   5BVN
#
_cell.length_a   61.040
_cell.length_b   78.497
_cell.length_c   74.499
_cell.angle_alpha   90.000
_cell.angle_beta   90.000
_cell.angle_gamma   90.000
#
_symmetry.space_group_name_H-M   'P 21 21 21'
#
loop_
_entity.id
_entity.type
_entity.pdbx_description
1 polymer 'Epithelial discoidin domain-containing receptor 1'
2 non-polymer 'IODIDE ION'
3 non-polymer N-[5-({[(3-fluorophenyl)carbamoyl]amino}methyl)-2-methylphenyl]imidazo[1,2-a]pyridine-3-carboxamide
4 water water
#
_entity_poly.entity_id   1
_entity_poly.type   'polypeptide(L)'
_entity_poly.pdbx_seq_one_letter_code
;GAMGSAVGDGPPRVDFPRSRLRFKEKLGEGQFGEVHLCEVDSPQDLVSLDFPLNVRKGHPLLVAVKILRPDATKNARNDF
LKEVKIMSRLKDPNIIRLLGVCVQDDPLCMITDYMENGDLNQFLSAHQLEDKAAEGAPGDGQAAQGPTISYPMLLHVAAQ
IASGMRYLATLNFVHRDLATRNCLVGENFTIKIADFGMSRNLYAGDYYRVQGRAVLPIRWMAWECILMGKFTTASDVWAF
GVTLWEVLMLCRAQPFGQLTDEQVIENAGEFFRDQGRQVYLSRPPACPQGLYELMLRCWSRESEQRPPFSQLHRFLAEDA
LNTV
;
_entity_poly.pdbx_strand_id   A
#
loop_
_chem_comp.id
_chem_comp.type
_chem_comp.name
_chem_comp.formula
4VD non-polymer N-[5-({[(3-fluorophenyl)carbamoyl]amino}methyl)-2-methylphenyl]imidazo[1,2-a]pyridine-3-carboxamide 'C23 H20 F N5 O2'
IOD non-polymer 'IODIDE ION' 'I -1'
#
# COMPACT_ATOMS: atom_id res chain seq x y z
N ASP A 15 7.73 -25.28 -13.31
CA ASP A 15 6.79 -24.89 -12.27
C ASP A 15 7.39 -23.92 -11.23
N PHE A 16 7.91 -22.73 -11.63
CA PHE A 16 8.25 -22.34 -13.00
C PHE A 16 9.75 -22.60 -13.21
N PRO A 17 10.21 -22.95 -14.44
CA PRO A 17 11.62 -23.31 -14.64
C PRO A 17 12.64 -22.25 -14.18
N ARG A 18 13.31 -22.54 -13.05
CA ARG A 18 14.34 -21.71 -12.42
C ARG A 18 15.50 -21.31 -13.37
N SER A 19 15.90 -22.23 -14.30
CA SER A 19 16.97 -21.97 -15.28
C SER A 19 16.57 -20.93 -16.38
N ARG A 20 15.28 -20.58 -16.47
CA ARG A 20 14.75 -19.57 -17.38
C ARG A 20 14.93 -18.12 -16.88
N LEU A 21 15.25 -17.96 -15.57
CA LEU A 21 15.46 -16.68 -14.88
C LEU A 21 16.93 -16.19 -15.10
N ARG A 22 17.13 -14.93 -15.57
CA ARG A 22 18.46 -14.31 -15.64
C ARG A 22 18.52 -13.01 -14.84
N PHE A 23 19.13 -13.13 -13.65
CA PHE A 23 19.35 -12.14 -12.61
C PHE A 23 20.24 -11.00 -13.10
N LYS A 24 19.70 -9.75 -13.01
CA LYS A 24 20.30 -8.61 -13.68
C LYS A 24 20.72 -7.51 -12.73
N GLU A 25 19.81 -7.11 -11.81
CA GLU A 25 20.18 -6.18 -10.73
C GLU A 25 19.43 -6.50 -9.43
N LYS A 26 19.86 -5.88 -8.33
CA LYS A 26 19.18 -5.91 -7.06
C LYS A 26 18.25 -4.67 -7.03
N LEU A 27 16.92 -4.89 -6.88
CA LEU A 27 15.91 -3.82 -6.85
C LEU A 27 15.79 -3.18 -5.50
N GLY A 28 15.87 -4.04 -4.48
CA GLY A 28 15.94 -3.64 -3.08
C GLY A 28 16.29 -4.82 -2.21
N GLU A 29 16.05 -4.69 -0.88
CA GLU A 29 16.11 -5.85 -0.01
C GLU A 29 14.80 -6.67 -0.17
N GLY A 30 13.93 -6.66 0.82
CA GLY A 30 12.72 -7.47 0.81
C GLY A 30 12.45 -8.04 2.19
N GLN A 31 11.24 -8.64 2.37
CA GLN A 31 10.79 -9.15 3.67
C GLN A 31 11.67 -10.28 4.24
N PHE A 32 11.98 -11.28 3.40
CA PHE A 32 12.66 -12.50 3.82
C PHE A 32 13.92 -12.78 2.98
N GLY A 33 14.48 -11.71 2.41
CA GLY A 33 15.58 -11.74 1.47
C GLY A 33 15.48 -10.66 0.39
N GLU A 34 16.32 -10.76 -0.67
CA GLU A 34 16.49 -9.73 -1.70
C GLU A 34 15.53 -9.87 -2.91
N VAL A 35 15.15 -8.71 -3.50
CA VAL A 35 14.46 -8.66 -4.79
C VAL A 35 15.45 -8.32 -5.91
N HIS A 36 15.39 -9.13 -6.98
CA HIS A 36 16.16 -9.01 -8.18
C HIS A 36 15.28 -8.72 -9.38
N LEU A 37 15.71 -7.77 -10.23
CA LEU A 37 15.19 -7.67 -11.59
C LEU A 37 15.81 -8.79 -12.46
N CYS A 38 14.94 -9.55 -13.14
CA CYS A 38 15.29 -10.71 -13.95
C CYS A 38 14.76 -10.60 -15.35
N GLU A 39 15.46 -11.28 -16.27
CA GLU A 39 15.06 -11.38 -17.66
C GLU A 39 14.58 -12.79 -17.91
N VAL A 40 13.55 -12.95 -18.74
CA VAL A 40 13.02 -14.26 -19.14
C VAL A 40 13.06 -14.28 -20.66
N ASP A 41 13.84 -15.24 -21.22
CA ASP A 41 14.02 -15.42 -22.67
C ASP A 41 12.72 -15.89 -23.36
N SER A 42 11.90 -16.72 -22.66
CA SER A 42 10.60 -17.25 -23.12
C SER A 42 10.60 -17.85 -24.51
N HIS A 59 14.26 -10.92 -25.49
CA HIS A 59 14.74 -11.35 -24.17
C HIS A 59 14.31 -10.43 -22.98
N PRO A 60 14.27 -9.06 -23.10
CA PRO A 60 13.94 -8.23 -21.91
C PRO A 60 12.46 -8.20 -21.47
N LEU A 61 11.79 -9.38 -21.44
CA LEU A 61 10.56 -9.60 -20.69
C LEU A 61 10.98 -9.61 -19.22
N LEU A 62 10.73 -8.50 -18.52
CA LEU A 62 11.28 -8.24 -17.19
C LEU A 62 10.36 -8.68 -16.09
N VAL A 63 10.93 -9.29 -15.05
CA VAL A 63 10.20 -9.75 -13.85
C VAL A 63 10.96 -9.33 -12.58
N ALA A 64 10.24 -9.35 -11.46
CA ALA A 64 10.90 -9.21 -10.16
C ALA A 64 10.90 -10.55 -9.43
N VAL A 65 12.02 -10.85 -8.84
CA VAL A 65 12.24 -12.14 -8.22
C VAL A 65 12.67 -11.91 -6.80
N LYS A 66 11.88 -12.43 -5.86
CA LYS A 66 12.27 -12.39 -4.45
C LYS A 66 12.78 -13.74 -4.08
N ILE A 67 14.03 -13.76 -3.64
CA ILE A 67 14.68 -14.99 -3.20
C ILE A 67 14.82 -14.98 -1.64
N LEU A 68 14.47 -16.12 -1.02
CA LEU A 68 14.60 -16.38 0.44
C LEU A 68 16.10 -16.22 0.75
N ARG A 69 16.47 -15.23 1.60
CA ARG A 69 17.81 -14.89 2.10
C ARG A 69 18.61 -16.18 2.44
N PRO A 70 19.96 -16.22 2.28
CA PRO A 70 20.66 -17.50 2.53
C PRO A 70 20.93 -17.80 4.02
N ASP A 71 20.76 -16.81 4.94
CA ASP A 71 20.84 -17.06 6.39
C ASP A 71 19.43 -17.14 6.99
N ALA A 72 18.39 -17.19 6.11
CA ALA A 72 16.98 -17.12 6.48
C ALA A 72 16.59 -18.27 7.38
N THR A 73 16.13 -17.92 8.61
CA THR A 73 15.67 -18.81 9.67
C THR A 73 14.48 -19.64 9.21
N LYS A 74 14.19 -20.77 9.94
CA LYS A 74 13.01 -21.60 9.70
C LYS A 74 11.73 -20.77 9.77
N ASN A 75 11.73 -19.72 10.59
CA ASN A 75 10.56 -18.85 10.69
C ASN A 75 10.35 -18.01 9.44
N ALA A 76 11.44 -17.50 8.81
CA ALA A 76 11.33 -16.66 7.62
C ALA A 76 10.85 -17.45 6.39
N ARG A 77 11.29 -18.73 6.27
CA ARG A 77 10.90 -19.68 5.23
C ARG A 77 9.37 -19.96 5.25
N ASN A 78 8.84 -20.27 6.44
CA ASN A 78 7.43 -20.44 6.72
C ASN A 78 6.57 -19.23 6.27
N ASP A 79 7.02 -18.04 6.72
CA ASP A 79 6.59 -16.71 6.31
C ASP A 79 6.57 -16.54 4.79
N PHE A 80 7.69 -16.88 4.14
CA PHE A 80 7.91 -16.82 2.69
C PHE A 80 6.87 -17.69 1.98
N LEU A 81 6.78 -18.97 2.39
CA LEU A 81 5.76 -19.90 1.91
C LEU A 81 4.33 -19.43 2.11
N LYS A 82 4.03 -18.80 3.26
CA LYS A 82 2.68 -18.23 3.48
C LYS A 82 2.40 -17.08 2.57
N GLU A 83 3.40 -16.20 2.39
CA GLU A 83 3.29 -15.05 1.51
C GLU A 83 3.01 -15.55 0.09
N VAL A 84 3.72 -16.58 -0.37
CA VAL A 84 3.43 -17.26 -1.64
C VAL A 84 1.88 -17.58 -1.76
N LYS A 85 1.31 -18.28 -0.75
CA LYS A 85 -0.10 -18.69 -0.73
C LYS A 85 -1.08 -17.47 -0.71
N ILE A 86 -0.74 -16.44 0.06
CA ILE A 86 -1.57 -15.25 0.11
C ILE A 86 -1.62 -14.59 -1.27
N MET A 87 -0.44 -14.42 -1.91
CA MET A 87 -0.24 -13.72 -3.19
C MET A 87 -0.84 -14.47 -4.37
N SER A 88 -0.94 -15.83 -4.29
CA SER A 88 -1.55 -16.65 -5.35
C SER A 88 -3.06 -16.33 -5.52
N ARG A 89 -3.69 -15.84 -4.45
CA ARG A 89 -5.10 -15.44 -4.37
C ARG A 89 -5.38 -14.16 -5.16
N LEU A 90 -4.35 -13.31 -5.32
CA LEU A 90 -4.52 -11.93 -5.78
C LEU A 90 -4.28 -11.77 -7.30
N LYS A 91 -5.38 -11.62 -8.04
CA LYS A 91 -5.42 -11.64 -9.49
C LYS A 91 -6.21 -10.44 -10.08
N ASP A 92 -5.57 -9.28 -10.10
CA ASP A 92 -6.19 -8.03 -10.54
C ASP A 92 -5.16 -7.11 -11.21
N PRO A 93 -5.53 -6.32 -12.25
CA PRO A 93 -4.61 -5.28 -12.77
C PRO A 93 -3.97 -4.32 -11.74
N ASN A 94 -4.59 -4.12 -10.60
CA ASN A 94 -4.07 -3.10 -9.66
C ASN A 94 -3.56 -3.73 -8.35
N ILE A 95 -3.50 -5.08 -8.31
CA ILE A 95 -2.76 -5.85 -7.31
C ILE A 95 -1.51 -6.46 -7.94
N ILE A 96 -0.36 -6.40 -7.25
CA ILE A 96 0.82 -7.22 -7.56
C ILE A 96 0.43 -8.70 -7.88
N ARG A 97 0.98 -9.26 -8.99
CA ARG A 97 0.68 -10.63 -9.40
C ARG A 97 1.85 -11.58 -9.21
N LEU A 98 1.60 -12.72 -8.54
CA LEU A 98 2.51 -13.85 -8.54
C LEU A 98 2.27 -14.58 -9.85
N LEU A 99 3.15 -14.32 -10.81
CA LEU A 99 3.14 -14.92 -12.16
C LEU A 99 3.81 -16.29 -12.14
N GLY A 100 4.45 -16.59 -11.01
CA GLY A 100 5.31 -17.76 -10.86
C GLY A 100 5.98 -17.88 -9.52
N VAL A 101 6.51 -19.10 -9.27
CA VAL A 101 7.13 -19.52 -8.01
C VAL A 101 8.26 -20.57 -8.30
N CYS A 102 9.38 -20.55 -7.54
CA CYS A 102 10.46 -21.58 -7.59
C CYS A 102 10.74 -22.07 -6.15
N VAL A 103 9.85 -22.92 -5.64
CA VAL A 103 9.76 -23.32 -4.22
C VAL A 103 10.11 -24.81 -4.03
N GLN A 104 9.95 -25.58 -5.11
CA GLN A 104 9.95 -27.04 -5.13
C GLN A 104 11.37 -27.60 -4.99
N ASP A 105 12.34 -26.69 -4.80
CA ASP A 105 13.79 -26.88 -4.67
C ASP A 105 14.35 -25.54 -4.09
N ASP A 106 15.40 -25.62 -3.25
CA ASP A 106 16.10 -24.46 -2.63
C ASP A 106 17.02 -23.73 -3.63
N PRO A 107 17.33 -22.42 -3.44
CA PRO A 107 16.70 -21.45 -2.51
C PRO A 107 15.30 -21.07 -3.00
N LEU A 108 14.35 -20.79 -2.06
CA LEU A 108 12.96 -20.47 -2.46
C LEU A 108 12.83 -19.10 -3.17
N CYS A 109 12.01 -19.07 -4.23
CA CYS A 109 11.85 -17.90 -5.09
C CYS A 109 10.37 -17.59 -5.44
N MET A 110 10.05 -16.28 -5.51
CA MET A 110 8.73 -15.70 -5.83
C MET A 110 8.88 -14.82 -7.07
N ILE A 111 7.96 -14.92 -8.05
CA ILE A 111 8.06 -14.18 -9.31
C ILE A 111 6.88 -13.25 -9.46
N THR A 112 7.13 -11.95 -9.56
CA THR A 112 6.08 -10.99 -9.80
C THR A 112 6.39 -10.17 -11.01
N ASP A 113 5.38 -9.47 -11.52
CA ASP A 113 5.60 -8.39 -12.48
C ASP A 113 6.66 -7.45 -11.92
N TYR A 114 7.35 -6.79 -12.81
CA TYR A 114 8.30 -5.76 -12.48
C TYR A 114 7.62 -4.40 -12.66
N MET A 115 7.68 -3.59 -11.63
CA MET A 115 7.12 -2.23 -11.67
C MET A 115 8.23 -1.20 -11.76
N GLU A 116 8.43 -0.67 -12.97
CA GLU A 116 9.68 -0.01 -13.38
C GLU A 116 10.01 1.27 -12.56
N ASN A 117 8.98 1.95 -12.05
CA ASN A 117 9.09 3.21 -11.31
C ASN A 117 9.20 2.99 -9.78
N GLY A 118 9.13 1.72 -9.38
CA GLY A 118 9.30 1.26 -8.03
C GLY A 118 8.21 1.75 -7.14
N ASP A 119 8.59 2.11 -5.93
CA ASP A 119 7.74 2.53 -4.82
C ASP A 119 6.96 3.86 -5.12
N LEU A 120 5.61 3.86 -4.92
CA LEU A 120 4.70 4.99 -5.21
C LEU A 120 5.00 6.25 -4.40
N ASN A 121 5.32 6.10 -3.08
CA ASN A 121 5.75 7.18 -2.19
C ASN A 121 7.00 7.90 -2.68
N GLN A 122 8.05 7.15 -3.10
CA GLN A 122 9.29 7.70 -3.62
C GLN A 122 9.05 8.30 -5.03
N PHE A 123 8.23 7.62 -5.86
CA PHE A 123 7.84 8.09 -7.19
C PHE A 123 7.14 9.46 -7.09
N LEU A 124 6.15 9.59 -6.18
CA LEU A 124 5.38 10.84 -6.03
C LEU A 124 6.15 12.00 -5.42
N SER A 125 6.98 11.69 -4.38
CA SER A 125 8.00 12.55 -3.70
C SER A 125 8.89 13.40 -4.63
N ALA A 126 9.22 12.85 -5.81
CA ALA A 126 10.00 13.55 -6.82
C ALA A 126 9.16 14.57 -7.59
N HIS A 127 7.97 14.15 -8.07
CA HIS A 127 7.03 14.96 -8.86
C HIS A 127 6.51 16.19 -8.13
N GLN A 128 6.26 17.27 -8.87
CA GLN A 128 5.53 18.42 -8.35
C GLN A 128 4.20 18.59 -9.08
N LEU A 129 3.18 19.16 -8.40
CA LEU A 129 1.91 19.43 -9.07
C LEU A 129 2.17 20.33 -10.29
N GLU A 130 1.58 19.98 -11.45
CA GLU A 130 1.55 20.79 -12.67
C GLU A 130 1.13 22.25 -12.32
N ASP A 131 2.00 23.23 -12.63
CA ASP A 131 1.72 24.66 -12.45
C ASP A 131 0.47 25.05 -13.29
N LYS A 132 -0.63 25.46 -12.58
CA LYS A 132 -1.98 25.76 -13.12
C LYS A 132 -2.70 24.48 -13.56
N PRO A 147 10.20 16.43 -13.03
CA PRO A 147 8.97 15.65 -13.25
C PRO A 147 7.73 16.33 -12.63
N THR A 148 6.67 16.58 -13.45
CA THR A 148 5.35 17.03 -12.95
C THR A 148 4.31 15.92 -12.98
N ILE A 149 3.25 16.11 -12.20
CA ILE A 149 2.04 15.29 -12.20
C ILE A 149 0.87 16.25 -12.12
N SER A 150 -0.14 16.06 -12.96
CA SER A 150 -1.35 16.86 -12.90
C SER A 150 -2.30 16.27 -11.85
N TYR A 151 -3.28 17.09 -11.41
CA TYR A 151 -4.43 16.71 -10.58
C TYR A 151 -5.28 15.53 -11.13
N PRO A 152 -5.70 15.51 -12.45
CA PRO A 152 -6.45 14.35 -12.98
C PRO A 152 -5.68 13.03 -12.96
N MET A 153 -4.33 13.12 -13.04
CA MET A 153 -3.44 11.98 -12.89
C MET A 153 -3.38 11.51 -11.43
N LEU A 154 -3.37 12.45 -10.45
CA LEU A 154 -3.43 12.12 -9.04
C LEU A 154 -4.72 11.37 -8.73
N LEU A 155 -5.79 11.65 -9.49
CA LEU A 155 -7.11 11.03 -9.37
C LEU A 155 -7.03 9.62 -9.90
N HIS A 156 -6.48 9.46 -11.12
CA HIS A 156 -6.15 8.21 -11.78
C HIS A 156 -5.28 7.28 -10.96
N VAL A 157 -4.32 7.83 -10.19
CA VAL A 157 -3.43 7.06 -9.29
C VAL A 157 -4.27 6.50 -8.13
N ALA A 158 -5.10 7.37 -7.56
CA ALA A 158 -6.04 7.07 -6.50
C ALA A 158 -7.12 6.03 -6.93
N ALA A 159 -7.79 6.24 -8.09
CA ALA A 159 -8.81 5.35 -8.67
C ALA A 159 -8.29 3.93 -8.94
N GLN A 160 -7.01 3.81 -9.36
CA GLN A 160 -6.34 2.51 -9.54
C GLN A 160 -6.16 1.81 -8.18
N ILE A 161 -5.87 2.57 -7.12
CA ILE A 161 -5.86 2.04 -5.75
C ILE A 161 -7.29 1.69 -5.30
N ALA A 162 -8.29 2.52 -5.61
CA ALA A 162 -9.70 2.22 -5.31
C ALA A 162 -10.18 0.94 -6.02
N SER A 163 -9.74 0.72 -7.27
CA SER A 163 -10.10 -0.46 -8.03
C SER A 163 -9.48 -1.76 -7.45
N GLY A 164 -8.16 -1.77 -7.26
CA GLY A 164 -7.46 -2.89 -6.63
C GLY A 164 -7.97 -3.23 -5.24
N MET A 165 -8.37 -2.20 -4.47
CA MET A 165 -8.93 -2.36 -3.13
C MET A 165 -10.35 -2.89 -3.19
N ARG A 166 -11.16 -2.41 -4.16
CA ARG A 166 -12.46 -3.01 -4.53
C ARG A 166 -12.33 -4.51 -4.84
N TYR A 167 -11.22 -4.90 -5.51
CA TYR A 167 -11.01 -6.31 -5.84
C TYR A 167 -10.80 -7.13 -4.57
N LEU A 168 -9.94 -6.64 -3.68
CA LEU A 168 -9.63 -7.31 -2.41
C LEU A 168 -10.84 -7.54 -1.53
N ALA A 169 -11.72 -6.52 -1.41
CA ALA A 169 -13.00 -6.52 -0.74
C ALA A 169 -13.92 -7.65 -1.21
N THR A 170 -13.93 -7.96 -2.55
CA THR A 170 -14.71 -9.08 -3.12
C THR A 170 -14.18 -10.45 -2.65
N LEU A 171 -12.89 -10.51 -2.30
CA LEU A 171 -12.24 -11.68 -1.71
C LEU A 171 -12.40 -11.69 -0.20
N ASN A 172 -12.98 -10.60 0.38
CA ASN A 172 -12.94 -10.34 1.82
C ASN A 172 -11.48 -10.48 2.28
N PHE A 173 -10.59 -9.88 1.50
CA PHE A 173 -9.18 -9.82 1.83
C PHE A 173 -8.95 -8.49 2.47
N VAL A 174 -8.49 -8.53 3.71
CA VAL A 174 -8.20 -7.32 4.46
C VAL A 174 -6.67 -7.11 4.31
N HIS A 175 -6.31 -5.95 3.71
CA HIS A 175 -4.92 -5.59 3.43
C HIS A 175 -4.13 -5.37 4.74
N ARG A 176 -4.71 -4.57 5.66
CA ARG A 176 -4.19 -4.21 6.99
C ARG A 176 -3.11 -3.13 6.93
N ASP A 177 -2.51 -2.84 5.74
CA ASP A 177 -1.39 -1.90 5.67
C ASP A 177 -1.38 -1.07 4.36
N LEU A 178 -2.57 -0.65 3.87
CA LEU A 178 -2.65 0.24 2.71
C LEU A 178 -2.08 1.61 3.03
N ALA A 179 -1.13 2.04 2.17
CA ALA A 179 -0.31 3.23 2.20
C ALA A 179 0.37 3.30 0.78
N THR A 180 0.85 4.50 0.37
CA THR A 180 1.65 4.70 -0.86
C THR A 180 2.97 3.85 -0.87
N ARG A 181 3.63 3.70 0.29
CA ARG A 181 4.83 2.87 0.53
C ARG A 181 4.63 1.41 0.19
N ASN A 182 3.37 0.89 0.29
CA ASN A 182 3.10 -0.45 -0.20
C ASN A 182 2.58 -0.46 -1.63
N CYS A 183 2.72 0.65 -2.36
CA CYS A 183 2.32 0.62 -3.75
C CYS A 183 3.48 0.73 -4.66
N LEU A 184 3.33 0.09 -5.82
CA LEU A 184 4.32 0.06 -6.86
C LEU A 184 3.74 0.74 -8.13
N VAL A 185 4.65 1.39 -8.88
CA VAL A 185 4.32 2.11 -10.09
C VAL A 185 5.06 1.43 -11.23
N GLY A 186 4.31 1.03 -12.25
CA GLY A 186 4.87 0.34 -13.40
C GLY A 186 4.88 1.10 -14.69
N GLU A 187 4.41 2.38 -14.67
CA GLU A 187 3.97 3.17 -15.83
C GLU A 187 2.96 2.45 -16.75
N ASN A 188 2.15 3.16 -17.59
CA ASN A 188 1.87 4.60 -17.68
C ASN A 188 1.10 5.02 -16.42
N PHE A 189 1.87 5.36 -15.37
CA PHE A 189 1.39 5.67 -14.01
C PHE A 189 0.44 4.53 -13.53
N THR A 190 0.76 3.28 -13.89
CA THR A 190 0.01 2.08 -13.52
C THR A 190 0.42 1.72 -12.09
N ILE A 191 -0.57 1.54 -11.25
CA ILE A 191 -0.38 1.31 -9.82
C ILE A 191 -0.77 -0.14 -9.57
N LYS A 192 0.14 -0.85 -8.87
CA LYS A 192 -0.09 -2.15 -8.27
C LYS A 192 0.03 -1.99 -6.73
N ILE A 193 -1.03 -2.33 -5.96
CA ILE A 193 -0.98 -2.47 -4.50
C ILE A 193 -0.15 -3.73 -4.23
N ALA A 194 0.79 -3.60 -3.27
CA ALA A 194 1.64 -4.68 -2.78
C ALA A 194 1.63 -4.62 -1.22
N ASP A 195 2.52 -5.37 -0.58
CA ASP A 195 2.69 -5.36 0.88
C ASP A 195 4.14 -5.75 1.20
N PHE A 196 4.97 -4.76 1.57
CA PHE A 196 6.40 -5.02 1.83
C PHE A 196 6.71 -5.28 3.27
N GLY A 197 5.67 -5.44 4.08
CA GLY A 197 5.83 -5.55 5.52
C GLY A 197 6.19 -4.24 6.16
N MET A 198 6.70 -4.35 7.39
CA MET A 198 6.83 -3.26 8.36
C MET A 198 8.26 -3.17 8.89
N SER A 199 9.26 -3.82 8.24
CA SER A 199 10.61 -3.95 8.80
C SER A 199 11.69 -3.09 8.15
N ARG A 200 11.42 -2.59 6.93
CA ARG A 200 12.35 -1.76 6.17
C ARG A 200 12.61 -0.45 6.92
N ASN A 201 13.89 -0.11 7.06
CA ASN A 201 14.30 1.02 7.86
C ASN A 201 13.94 2.36 7.22
N LEU A 202 13.62 2.39 5.87
CA LEU A 202 13.17 3.62 5.19
C LEU A 202 11.86 4.11 5.77
N TYR A 203 10.90 3.19 5.94
CA TYR A 203 9.60 3.58 6.42
C TYR A 203 9.40 3.34 7.89
N ALA A 204 10.51 3.21 8.67
CA ALA A 204 10.52 2.98 10.11
C ALA A 204 9.55 3.88 10.94
N GLY A 205 9.56 5.18 10.67
CA GLY A 205 8.69 6.18 11.31
C GLY A 205 7.21 6.06 11.01
N ASP A 206 6.84 5.24 10.01
CA ASP A 206 5.47 4.91 9.68
C ASP A 206 4.82 3.90 10.61
N TYR A 207 5.62 3.27 11.48
CA TYR A 207 5.09 2.21 12.33
C TYR A 207 5.31 2.53 13.76
N TYR A 208 4.37 2.11 14.55
CA TYR A 208 4.49 2.24 15.96
C TYR A 208 4.93 0.84 16.49
N ARG A 209 6.08 0.82 17.20
CA ARG A 209 6.72 -0.38 17.75
C ARG A 209 6.76 -0.42 19.28
N VAL A 210 6.05 -1.39 19.85
CA VAL A 210 6.17 -1.79 21.24
C VAL A 210 6.78 -3.19 21.27
N GLN A 211 7.83 -3.34 22.13
CA GLN A 211 8.47 -4.62 22.45
C GLN A 211 7.37 -5.67 22.73
N GLY A 212 7.28 -6.68 21.89
CA GLY A 212 6.33 -7.78 22.06
C GLY A 212 4.91 -7.52 21.57
N ARG A 213 4.63 -6.33 21.00
CA ARG A 213 3.36 -6.10 20.27
C ARG A 213 3.53 -6.14 18.79
N ALA A 214 2.41 -6.27 18.07
CA ALA A 214 2.28 -6.08 16.65
C ALA A 214 2.77 -4.67 16.29
N VAL A 215 3.43 -4.57 15.13
CA VAL A 215 3.93 -3.33 14.58
C VAL A 215 2.73 -2.64 13.94
N LEU A 216 2.55 -1.36 14.20
CA LEU A 216 1.27 -0.72 13.93
C LEU A 216 1.45 0.51 13.04
N PRO A 217 0.97 0.46 11.76
CA PRO A 217 0.96 1.70 10.95
C PRO A 217 -0.15 2.66 11.44
N ILE A 218 -0.03 3.11 12.69
CA ILE A 218 -1.03 3.92 13.44
C ILE A 218 -1.54 5.16 12.68
N ARG A 219 -0.67 5.86 11.90
CA ARG A 219 -1.11 7.10 11.22
C ARG A 219 -2.05 6.82 10.02
N TRP A 220 -2.23 5.54 9.73
CA TRP A 220 -3.07 5.05 8.65
C TRP A 220 -4.23 4.23 9.18
N MET A 221 -4.16 3.85 10.50
CA MET A 221 -5.10 2.93 11.12
C MET A 221 -6.33 3.61 11.64
N ALA A 222 -7.48 2.97 11.43
CA ALA A 222 -8.78 3.45 11.88
C ALA A 222 -8.77 3.38 13.40
N TRP A 223 -9.62 4.19 14.07
CA TRP A 223 -9.52 4.30 15.50
C TRP A 223 -9.68 2.93 16.15
N GLU A 224 -10.56 2.09 15.58
CA GLU A 224 -10.89 0.81 16.18
C GLU A 224 -9.77 -0.22 16.02
N CYS A 225 -8.88 -0.08 14.99
CA CYS A 225 -7.64 -0.88 14.85
C CYS A 225 -6.68 -0.56 15.96
N ILE A 226 -6.49 0.76 16.24
CA ILE A 226 -5.61 1.33 17.26
C ILE A 226 -6.05 0.85 18.66
N LEU A 227 -7.35 0.93 18.96
CA LEU A 227 -7.81 0.58 20.30
C LEU A 227 -8.08 -0.91 20.45
N MET A 228 -8.48 -1.63 19.39
CA MET A 228 -8.93 -3.03 19.55
C MET A 228 -8.19 -4.09 18.72
N GLY A 229 -7.31 -3.66 17.81
CA GLY A 229 -6.67 -4.58 16.85
C GLY A 229 -7.63 -5.10 15.77
N LYS A 230 -8.74 -4.37 15.56
CA LYS A 230 -9.80 -4.74 14.63
C LYS A 230 -9.53 -4.25 13.21
N PHE A 231 -8.91 -5.09 12.38
CA PHE A 231 -8.74 -4.76 10.98
C PHE A 231 -9.90 -5.36 10.16
N THR A 232 -10.66 -4.50 9.42
CA THR A 232 -11.72 -4.92 8.48
C THR A 232 -11.48 -4.34 7.09
N THR A 233 -12.42 -4.56 6.13
CA THR A 233 -12.56 -3.75 4.92
C THR A 233 -12.77 -2.24 5.23
N ALA A 234 -13.57 -1.94 6.26
CA ALA A 234 -13.89 -0.58 6.68
C ALA A 234 -12.66 0.19 7.21
N SER A 235 -11.73 -0.50 7.81
CA SER A 235 -10.46 0.07 8.24
C SER A 235 -9.47 0.18 7.04
N ASP A 236 -9.58 -0.73 6.08
CA ASP A 236 -8.90 -0.60 4.80
C ASP A 236 -9.36 0.67 4.07
N VAL A 237 -10.70 0.95 4.12
CA VAL A 237 -11.31 2.21 3.61
C VAL A 237 -10.68 3.46 4.27
N TRP A 238 -10.51 3.39 5.61
CA TRP A 238 -9.94 4.48 6.41
C TRP A 238 -8.53 4.76 5.94
N ALA A 239 -7.71 3.68 5.78
CA ALA A 239 -6.31 3.74 5.30
C ALA A 239 -6.24 4.20 3.88
N PHE A 240 -7.24 3.86 3.05
CA PHE A 240 -7.28 4.35 1.68
C PHE A 240 -7.46 5.88 1.69
N GLY A 241 -8.35 6.35 2.56
CA GLY A 241 -8.55 7.77 2.84
C GLY A 241 -7.25 8.52 3.12
N VAL A 242 -6.34 7.89 3.89
CA VAL A 242 -5.06 8.42 4.35
C VAL A 242 -4.09 8.32 3.17
N THR A 243 -4.08 7.16 2.49
CA THR A 243 -3.33 6.93 1.24
C THR A 243 -3.70 7.97 0.16
N LEU A 244 -4.99 8.27 0.02
CA LEU A 244 -5.56 9.28 -0.89
C LEU A 244 -5.09 10.69 -0.52
N TRP A 245 -4.98 10.96 0.79
CA TRP A 245 -4.42 12.21 1.29
C TRP A 245 -2.95 12.26 0.95
N GLU A 246 -2.23 11.10 1.03
CA GLU A 246 -0.78 10.99 0.71
C GLU A 246 -0.48 11.36 -0.71
N VAL A 247 -1.26 10.77 -1.65
CA VAL A 247 -1.23 11.01 -3.10
C VAL A 247 -1.44 12.50 -3.37
N LEU A 248 -2.47 13.07 -2.76
CA LEU A 248 -2.78 14.48 -2.90
C LEU A 248 -1.76 15.39 -2.19
N MET A 249 -1.07 14.85 -1.20
CA MET A 249 0.08 15.52 -0.61
C MET A 249 1.37 15.31 -1.43
N LEU A 250 1.27 14.57 -2.55
CA LEU A 250 2.42 14.15 -3.36
C LEU A 250 3.52 13.50 -2.47
N CYS A 251 3.06 12.84 -1.39
CA CYS A 251 3.85 12.05 -0.43
C CYS A 251 4.92 12.88 0.26
N ARG A 252 4.67 14.19 0.41
CA ARG A 252 5.65 15.16 0.92
C ARG A 252 5.59 15.39 2.42
N ALA A 253 4.56 14.86 3.10
CA ALA A 253 4.45 14.98 4.55
C ALA A 253 3.78 13.76 5.12
N GLN A 254 4.22 13.38 6.32
CA GLN A 254 3.70 12.22 6.99
C GLN A 254 2.26 12.57 7.48
N PRO A 255 1.29 11.60 7.42
CA PRO A 255 -0.02 11.83 8.05
C PRO A 255 0.17 12.11 9.52
N PHE A 256 -0.47 13.18 10.01
CA PHE A 256 -0.34 13.73 11.39
C PHE A 256 1.16 13.95 11.75
N GLY A 257 1.92 14.52 10.80
CA GLY A 257 3.38 14.63 10.85
C GLY A 257 3.89 15.39 12.06
N GLN A 258 3.16 16.45 12.42
CA GLN A 258 3.52 17.33 13.54
C GLN A 258 2.99 16.84 14.87
N LEU A 259 2.23 15.73 14.84
CA LEU A 259 1.81 15.02 16.04
C LEU A 259 2.72 13.84 16.30
N THR A 260 3.04 13.59 17.59
CA THR A 260 3.70 12.35 18.05
C THR A 260 2.85 11.06 17.88
N ASP A 261 3.52 9.91 18.02
CA ASP A 261 2.91 8.58 18.11
C ASP A 261 1.80 8.51 19.12
N GLU A 262 2.10 8.77 20.45
CA GLU A 262 1.15 8.90 21.56
C GLU A 262 -0.11 9.69 21.16
N GLN A 263 0.08 10.89 20.60
CA GLN A 263 -0.97 11.82 20.15
C GLN A 263 -1.93 11.22 19.08
N VAL A 264 -1.37 10.51 18.12
CA VAL A 264 -2.15 9.74 17.17
C VAL A 264 -2.98 8.64 17.90
N ILE A 265 -2.37 7.96 18.88
CA ILE A 265 -3.03 6.91 19.64
C ILE A 265 -4.19 7.50 20.48
N GLU A 266 -3.99 8.68 21.11
CA GLU A 266 -5.02 9.35 21.89
C GLU A 266 -6.09 10.02 21.02
N ASN A 267 -5.74 10.36 19.77
CA ASN A 267 -6.72 10.83 18.83
C ASN A 267 -7.73 9.76 18.50
N ALA A 268 -7.29 8.50 18.40
CA ALA A 268 -8.16 7.32 18.27
C ALA A 268 -9.14 7.20 19.43
N GLY A 269 -8.67 7.44 20.67
CA GLY A 269 -9.48 7.54 21.88
C GLY A 269 -10.49 8.67 21.85
N GLU A 270 -10.14 9.80 21.20
CA GLU A 270 -11.05 10.91 20.92
C GLU A 270 -12.15 10.52 19.91
N PHE A 271 -11.88 9.55 19.00
CA PHE A 271 -12.94 9.03 18.11
C PHE A 271 -13.95 8.18 18.88
N PHE A 272 -13.47 7.21 19.68
CA PHE A 272 -14.32 6.41 20.57
C PHE A 272 -15.26 7.30 21.40
N ARG A 273 -14.68 8.35 22.02
CA ARG A 273 -15.37 9.27 22.94
C ARG A 273 -16.47 10.08 22.25
N ASP A 274 -16.29 10.41 20.95
CA ASP A 274 -17.27 11.10 20.08
C ASP A 274 -17.82 12.40 20.70
N GLN A 275 -16.89 13.28 21.05
CA GLN A 275 -17.11 14.56 21.71
C GLN A 275 -16.74 15.75 20.80
N GLY A 276 -16.39 15.45 19.55
CA GLY A 276 -15.94 16.47 18.59
C GLY A 276 -14.52 16.95 18.87
N ARG A 277 -13.69 16.08 19.49
CA ARG A 277 -12.29 16.38 19.82
C ARG A 277 -11.30 15.65 18.91
N GLN A 278 -11.81 14.78 17.99
CA GLN A 278 -11.03 14.08 16.96
C GLN A 278 -10.49 15.08 15.96
N VAL A 279 -9.30 14.82 15.56
CA VAL A 279 -8.54 15.70 14.72
C VAL A 279 -8.36 14.92 13.43
N TYR A 280 -8.48 15.58 12.29
CA TYR A 280 -8.31 14.93 10.98
C TYR A 280 -7.14 15.46 10.26
N LEU A 281 -6.67 14.67 9.29
CA LEU A 281 -5.72 15.12 8.29
C LEU A 281 -6.27 16.40 7.61
N SER A 282 -5.40 17.44 7.39
CA SER A 282 -5.93 18.67 6.81
C SER A 282 -6.10 18.48 5.29
N ARG A 283 -6.81 19.39 4.61
CA ARG A 283 -6.98 19.32 3.18
C ARG A 283 -5.61 19.57 2.54
N PRO A 284 -5.14 18.64 1.70
CA PRO A 284 -3.95 18.92 0.89
C PRO A 284 -4.19 20.07 -0.10
N PRO A 285 -3.15 20.89 -0.35
CA PRO A 285 -3.27 21.97 -1.36
C PRO A 285 -3.84 21.54 -2.69
N ALA A 286 -3.35 20.39 -3.25
CA ALA A 286 -3.75 19.80 -4.53
C ALA A 286 -5.19 19.22 -4.49
N CYS A 287 -5.78 19.14 -3.30
CA CYS A 287 -7.08 18.50 -3.03
C CYS A 287 -8.26 19.49 -2.97
N PRO A 288 -9.26 19.45 -3.91
CA PRO A 288 -10.52 20.19 -3.66
C PRO A 288 -11.33 19.71 -2.47
N GLN A 289 -12.30 20.54 -2.11
CA GLN A 289 -13.21 20.33 -1.01
C GLN A 289 -14.13 19.13 -1.23
N GLY A 290 -14.62 18.97 -2.47
CA GLY A 290 -15.50 17.87 -2.85
C GLY A 290 -14.83 16.55 -2.59
N LEU A 291 -13.56 16.46 -2.96
CA LEU A 291 -12.73 15.28 -2.82
C LEU A 291 -12.34 15.05 -1.33
N TYR A 292 -11.95 16.14 -0.64
CA TYR A 292 -11.59 16.14 0.76
C TYR A 292 -12.74 15.57 1.62
N GLU A 293 -13.99 15.98 1.32
CA GLU A 293 -15.25 15.48 1.87
C GLU A 293 -15.32 13.95 1.82
N LEU A 294 -14.84 13.35 0.71
CA LEU A 294 -14.74 11.89 0.51
C LEU A 294 -13.67 11.24 1.41
N MET A 295 -12.55 11.94 1.69
CA MET A 295 -11.47 11.51 2.61
C MET A 295 -11.99 11.41 4.00
N LEU A 296 -12.81 12.41 4.40
CA LEU A 296 -13.47 12.59 5.69
C LEU A 296 -14.42 11.47 5.99
N ARG A 297 -15.32 11.13 5.03
CA ARG A 297 -16.25 9.99 5.08
C ARG A 297 -15.51 8.69 5.32
N CYS A 298 -14.34 8.50 4.68
CA CYS A 298 -13.39 7.39 4.93
C CYS A 298 -13.01 7.29 6.39
N TRP A 299 -13.02 8.41 7.11
CA TRP A 299 -12.63 8.47 8.51
C TRP A 299 -13.83 8.71 9.39
N SER A 300 -15.04 8.44 8.87
CA SER A 300 -16.24 8.41 9.70
C SER A 300 -15.99 7.39 10.82
N ARG A 301 -16.35 7.79 12.04
CA ARG A 301 -16.27 7.00 13.26
C ARG A 301 -16.92 5.60 13.05
N GLU A 302 -18.08 5.59 12.36
CA GLU A 302 -18.88 4.39 12.08
C GLU A 302 -18.43 3.80 10.78
N SER A 303 -17.98 2.56 10.85
CA SER A 303 -17.37 1.77 9.80
C SER A 303 -18.27 1.63 8.57
N GLU A 304 -19.56 1.36 8.81
CA GLU A 304 -20.66 1.23 7.85
C GLU A 304 -21.05 2.58 7.18
N GLN A 305 -20.69 3.73 7.79
CA GLN A 305 -20.83 5.06 7.17
C GLN A 305 -19.60 5.47 6.31
N ARG A 306 -18.51 4.70 6.38
CA ARG A 306 -17.37 4.86 5.47
C ARG A 306 -17.78 4.33 4.04
N PRO A 307 -17.35 4.99 2.94
CA PRO A 307 -17.85 4.57 1.62
C PRO A 307 -17.24 3.21 1.20
N PRO A 308 -18.00 2.29 0.55
CA PRO A 308 -17.38 1.06 0.04
C PRO A 308 -16.38 1.43 -1.07
N PHE A 309 -15.36 0.58 -1.34
CA PHE A 309 -14.38 0.91 -2.38
C PHE A 309 -15.04 1.12 -3.78
N SER A 310 -16.18 0.44 -4.05
CA SER A 310 -17.00 0.60 -5.26
C SER A 310 -17.42 2.06 -5.50
N GLN A 311 -17.68 2.80 -4.41
CA GLN A 311 -18.10 4.20 -4.39
C GLN A 311 -16.91 5.17 -4.45
N LEU A 312 -15.81 4.71 -3.90
CA LEU A 312 -14.54 5.42 -3.93
C LEU A 312 -13.96 5.39 -5.33
N HIS A 313 -14.15 4.24 -6.02
CA HIS A 313 -13.84 4.13 -7.44
C HIS A 313 -14.75 4.98 -8.28
N ARG A 314 -16.08 4.83 -8.14
CA ARG A 314 -17.03 5.68 -8.86
C ARG A 314 -16.69 7.19 -8.68
N PHE A 315 -16.38 7.59 -7.45
CA PHE A 315 -15.97 8.98 -7.23
C PHE A 315 -14.73 9.40 -8.01
N LEU A 316 -13.63 8.62 -7.86
CA LEU A 316 -12.33 8.99 -8.40
C LEU A 316 -12.24 8.79 -9.89
N ALA A 317 -12.95 7.79 -10.43
CA ALA A 317 -12.98 7.55 -11.88
C ALA A 317 -13.96 8.46 -12.59
N GLU A 318 -15.12 8.80 -11.95
CA GLU A 318 -16.14 9.60 -12.62
C GLU A 318 -16.37 10.98 -12.00
N ASP A 319 -16.81 11.04 -10.72
CA ASP A 319 -17.29 12.27 -10.10
C ASP A 319 -16.22 13.34 -9.90
N ALA A 320 -14.97 12.93 -9.65
CA ALA A 320 -13.84 13.82 -9.44
C ALA A 320 -13.40 14.55 -10.73
N LEU A 321 -13.76 13.98 -11.92
CA LEU A 321 -13.61 14.63 -13.23
C LEU A 321 -14.50 15.89 -13.42
N ASN A 322 -15.77 15.84 -12.97
CA ASN A 322 -16.63 17.02 -12.93
C ASN A 322 -16.34 17.92 -11.74
I IOD B . -0.34 17.36 12.16
C1 4VD C . 9.12 -10.38 -6.25
C2 4VD C . 8.30 -9.82 -5.12
C3 4VD C . 7.91 -10.65 -4.08
C5 4VD C . 6.76 -8.85 -2.99
C6 4VD C . 5.95 -8.31 -1.83
C8 4VD C . 3.52 -8.60 -1.57
O9 4VD C . 3.26 -7.54 -2.11
C11 4VD C . 1.22 -9.03 -0.73
C12 4VD C . 0.57 -9.60 0.35
C13 4VD C . -0.75 -9.27 0.63
C14 4VD C . -1.41 -8.35 -0.17
C15 4VD C . -0.74 -7.80 -1.21
C19 4VD C . 7.90 -8.48 -5.09
C21 4VD C . 8.95 -6.43 -5.94
C23 4VD C . 9.05 -5.51 -7.10
C24 4VD C . 8.41 -5.55 -8.32
C26 4VD C . 9.63 -3.76 -8.36
C27 4VD C . 10.33 -2.56 -8.63
C28 4VD C . 11.14 -1.99 -7.67
C4 4VD C . 7.15 -10.17 -3.02
N7 4VD C . 4.78 -9.11 -1.52
N10 4VD C . 2.56 -9.40 -0.97
F16 4VD C . -1.39 -6.88 -2.00
C17 4VD C . 0.55 -8.11 -1.52
C18 4VD C . 7.14 -8.01 -4.02
N20 4VD C . 8.28 -7.59 -6.13
O22 4VD C . 9.46 -6.14 -4.86
N25 4VD C . 8.77 -4.48 -9.09
C29 4VD C . 11.32 -2.61 -6.44
C30 4VD C . 10.67 -3.78 -6.18
N31 4VD C . 9.84 -4.36 -7.11
H34 4VD C . 8.80 -10.02 -7.09
H33 4VD C . 9.03 -11.36 -6.27
H32 4VD C . 10.05 -10.14 -6.13
H35 4VD C . 8.16 -11.55 -4.09
H38 4VD C . 5.67 -7.40 -2.04
H37 4VD C . 6.51 -8.26 -1.03
H41 4VD C . 1.02 -10.24 0.90
H42 4VD C . -1.19 -9.67 1.36
H43 4VD C . -2.30 -8.12 0.02
H47 4VD C . 7.83 -6.23 -8.60
H48 4VD C . 10.21 -2.14 -9.46
H49 4VD C . 11.61 -1.19 -7.85
H36 4VD C . 6.91 -10.75 -2.32
H39 4VD C . 4.89 -9.97 -1.39
H40 4VD C . 2.85 -10.11 -0.56
H44 4VD C . 0.98 -7.70 -2.25
H45 4VD C . 6.88 -7.10 -4.00
H46 4VD C . 8.03 -7.80 -6.93
H50 4VD C . 11.89 -2.24 -5.80
H51 4VD C . 10.78 -4.20 -5.34
#